data_2N0R
#
_entry.id   2N0R
#
_entity_poly.entity_id   1
_entity_poly.type   'polyribonucleotide'
_entity_poly.pdbx_seq_one_letter_code
;GCUGAGCUCGAAAGAGCAAUGAUGUC
;
_entity_poly.pdbx_strand_id   A
#